data_7VFR
#
_entry.id   7VFR
#
_cell.length_a   39.995
_cell.length_b   42.390
_cell.length_c   59.605
_cell.angle_alpha   107.050
_cell.angle_beta   102.060
_cell.angle_gamma   104.290
#
_symmetry.space_group_name_H-M   'P 1'
#
loop_
_entity.id
_entity.type
_entity.pdbx_description
1 polymer 'Extracellular solute-binding protein, family 1'
2 branched beta-D-galactopyranose-(1-3)-2-acetamido-2-deoxy-beta-D-glucopyranose-(1-3)-beta-D-galactopyranose-(1-4)-beta-D-glucopyranose
3 non-polymer 'SULFATE ION'
4 non-polymer 'ZINC ION'
5 water water
#
_entity_poly.entity_id   1
_entity_poly.type   'polypeptide(L)'
_entity_poly.pdbx_seq_one_letter_code
;MDTAGDTKSGSDGGVVNITYMHRLPDSKGMTLVNDIVAKWNKEHPNIQVKATKFDGKASEMIKKLETDVKAGNAPDLAQV
GYAEVPEVFTKGLLQDVTDEAAKYKDDFASAPFALMQVDGKTYGLPQDTGPLAYFYNAAEFEKLGITVPKTADELIETAK
KTAAQGKYIMTFQPDEAMMMMSGQAGASGPWYKVDGNSWVVNTQTKGSKAVADVYQQLIDNKAALTNPRWDASFDNSIQS
GQLIGTVAAAWEAPLFIDSAGGTGAGEWKVTQLGDWFGNGTKTGSDGGSGVAVLKGSKHPAEAMEFLDWFNTQVDDLVSQ
GLVVAATTADAKTPQKWSDYFSGQDVMAEFKTANDNMGDFTYMPGFSAVGAAMKQTAAKAADGSAKVSDVFDTAQKTSVD
TLKNLGLSVKE
;
_entity_poly.pdbx_strand_id   A
#
# COMPACT_ATOMS: atom_id res chain seq x y z
N VAL A 15 -24.04 -27.77 5.67
CA VAL A 15 -23.69 -26.29 5.84
C VAL A 15 -22.35 -26.08 6.57
N VAL A 16 -21.52 -25.18 6.05
CA VAL A 16 -20.26 -24.72 6.70
C VAL A 16 -20.33 -23.21 6.88
N ASN A 17 -19.89 -22.77 8.05
CA ASN A 17 -19.77 -21.35 8.45
C ASN A 17 -18.29 -20.95 8.31
N ILE A 18 -18.08 -19.86 7.58
CA ILE A 18 -16.75 -19.25 7.28
C ILE A 18 -16.70 -17.90 7.98
N THR A 19 -15.57 -17.53 8.54
CA THR A 19 -15.34 -16.17 9.07
C THR A 19 -14.17 -15.52 8.32
N TYR A 20 -14.33 -14.25 8.00
CA TYR A 20 -13.38 -13.44 7.20
C TYR A 20 -13.17 -12.13 7.96
N MET A 21 -11.96 -11.88 8.43
CA MET A 21 -11.60 -10.60 9.09
C MET A 21 -10.88 -9.74 8.04
N HIS A 22 -11.32 -8.50 7.86
CA HIS A 22 -10.74 -7.60 6.84
C HIS A 22 -10.47 -6.24 7.46
N ARG A 23 -9.68 -5.43 6.78
CA ARG A 23 -9.49 -4.01 7.19
C ARG A 23 -9.75 -3.10 5.99
N LEU A 24 -10.80 -3.41 5.21
CA LEU A 24 -11.25 -2.54 4.12
C LEU A 24 -11.99 -1.34 4.74
N PRO A 25 -11.92 -0.18 4.10
CA PRO A 25 -12.43 1.06 4.70
C PRO A 25 -13.94 1.10 4.96
N ASP A 26 -14.78 0.56 4.07
CA ASP A 26 -16.25 0.54 4.33
C ASP A 26 -16.71 1.98 4.63
N SER A 27 -16.22 2.96 3.88
CA SER A 27 -16.62 4.39 4.11
C SER A 27 -17.80 4.77 3.22
N LYS A 28 -18.26 6.00 3.39
CA LYS A 28 -19.37 6.54 2.56
C LYS A 28 -19.06 6.36 1.08
N GLY A 29 -20.07 6.02 0.29
CA GLY A 29 -19.98 5.94 -1.18
C GLY A 29 -19.48 4.58 -1.62
N MET A 30 -19.12 3.72 -0.67
CA MET A 30 -18.54 2.38 -1.02
C MET A 30 -19.61 1.31 -0.91
N THR A 31 -19.37 0.21 -1.62
CA THR A 31 -20.18 -1.01 -1.43
C THR A 31 -19.62 -1.71 -0.20
N LEU A 32 -20.40 -1.73 0.88
CA LEU A 32 -19.91 -2.25 2.16
C LEU A 32 -19.61 -3.74 1.98
N VAL A 33 -18.56 -4.20 2.65
CA VAL A 33 -18.17 -5.63 2.59
C VAL A 33 -19.38 -6.52 2.96
N ASN A 34 -20.15 -6.16 3.99
CA ASN A 34 -21.30 -7.01 4.44
C ASN A 34 -22.36 -7.11 3.32
N ASP A 35 -22.47 -6.08 2.47
CA ASP A 35 -23.45 -6.08 1.35
C ASP A 35 -22.89 -6.94 0.22
N ILE A 36 -21.58 -7.03 0.06
CA ILE A 36 -20.95 -7.93 -0.97
C ILE A 36 -21.20 -9.37 -0.49
N VAL A 37 -20.88 -9.64 0.77
CA VAL A 37 -21.02 -11.00 1.37
C VAL A 37 -22.48 -11.44 1.30
N ALA A 38 -23.42 -10.51 1.48
CA ALA A 38 -24.87 -10.84 1.46
C ALA A 38 -25.25 -11.49 0.12
N LYS A 39 -24.66 -11.05 -0.99
CA LYS A 39 -24.97 -11.60 -2.34
C LYS A 39 -24.53 -13.06 -2.39
N TRP A 40 -23.34 -13.36 -1.88
CA TRP A 40 -22.82 -14.74 -1.77
C TRP A 40 -23.77 -15.60 -0.92
N ASN A 41 -24.17 -15.08 0.24
CA ASN A 41 -24.90 -15.86 1.27
C ASN A 41 -26.29 -16.25 0.73
N LYS A 42 -26.90 -15.37 -0.05
CA LYS A 42 -28.22 -15.63 -0.67
C LYS A 42 -28.11 -16.81 -1.64
N GLU A 43 -27.03 -16.86 -2.41
CA GLU A 43 -26.83 -17.85 -3.52
C GLU A 43 -26.21 -19.17 -3.04
N HIS A 44 -25.58 -19.23 -1.86
CA HIS A 44 -24.82 -20.43 -1.39
C HIS A 44 -25.26 -20.82 0.01
N PRO A 45 -26.43 -21.49 0.18
CA PRO A 45 -26.90 -21.81 1.51
C PRO A 45 -25.94 -22.71 2.28
N ASN A 46 -25.09 -23.47 1.61
CA ASN A 46 -24.20 -24.45 2.29
C ASN A 46 -22.85 -23.81 2.65
N ILE A 47 -22.58 -22.58 2.23
CA ILE A 47 -21.31 -21.89 2.59
C ILE A 47 -21.66 -20.50 3.10
N GLN A 48 -21.87 -20.38 4.40
CA GLN A 48 -22.39 -19.13 4.99
C GLN A 48 -21.23 -18.35 5.61
N VAL A 49 -21.10 -17.10 5.22
CA VAL A 49 -19.92 -16.26 5.55
C VAL A 49 -20.32 -15.11 6.44
N LYS A 50 -19.55 -14.87 7.48
CA LYS A 50 -19.61 -13.63 8.26
C LYS A 50 -18.27 -12.90 8.13
N ALA A 51 -18.29 -11.69 7.57
CA ALA A 51 -17.09 -10.83 7.45
C ALA A 51 -17.18 -9.76 8.55
N THR A 52 -16.07 -9.53 9.23
CA THR A 52 -15.93 -8.52 10.28
C THR A 52 -14.77 -7.59 9.95
N LYS A 53 -15.00 -6.30 10.06
CA LYS A 53 -13.94 -5.26 9.96
C LYS A 53 -13.14 -5.23 11.26
N PHE A 54 -11.83 -5.34 11.16
CA PHE A 54 -10.92 -5.22 12.30
C PHE A 54 -11.14 -3.85 12.97
N ASP A 55 -11.33 -3.89 14.28
CA ASP A 55 -11.58 -2.68 15.10
C ASP A 55 -10.24 -2.24 15.71
N GLY A 56 -9.40 -1.65 14.88
CA GLY A 56 -8.10 -1.11 15.29
C GLY A 56 -7.32 -0.62 14.09
N LYS A 57 -6.20 0.01 14.34
CA LYS A 57 -5.36 0.51 13.24
C LYS A 57 -4.67 -0.66 12.53
N ALA A 58 -4.31 -0.46 11.26
CA ALA A 58 -3.88 -1.55 10.36
C ALA A 58 -2.79 -2.41 11.00
N SER A 59 -1.83 -1.82 11.70
CA SER A 59 -0.62 -2.53 12.19
C SER A 59 -0.96 -3.47 13.34
N GLU A 60 -2.14 -3.33 13.94
CA GLU A 60 -2.55 -4.18 15.08
C GLU A 60 -3.23 -5.45 14.58
N MET A 61 -3.59 -5.52 13.29
CA MET A 61 -4.42 -6.67 12.85
C MET A 61 -3.61 -7.98 12.91
N ILE A 62 -2.38 -8.05 12.41
CA ILE A 62 -1.67 -9.37 12.43
C ILE A 62 -1.30 -9.75 13.86
N LYS A 63 -1.20 -8.76 14.76
CA LYS A 63 -0.96 -9.05 16.19
C LYS A 63 -2.21 -9.75 16.76
N LYS A 64 -3.40 -9.31 16.34
CA LYS A 64 -4.67 -9.93 16.79
C LYS A 64 -4.76 -11.33 16.19
N LEU A 65 -4.37 -11.50 14.92
CA LEU A 65 -4.38 -12.84 14.30
C LEU A 65 -3.45 -13.79 15.08
N GLU A 66 -2.27 -13.32 15.48
CA GLU A 66 -1.32 -14.16 16.27
C GLU A 66 -1.98 -14.57 17.59
N THR A 67 -2.58 -13.65 18.34
CA THR A 67 -3.23 -13.96 19.65
C THR A 67 -4.38 -14.94 19.41
N ASP A 68 -5.13 -14.76 18.32
CA ASP A 68 -6.31 -15.59 17.99
C ASP A 68 -5.86 -17.03 17.71
N VAL A 69 -4.83 -17.19 16.87
CA VAL A 69 -4.30 -18.53 16.50
C VAL A 69 -3.75 -19.23 17.75
N LYS A 70 -3.16 -18.48 18.66
CA LYS A 70 -2.63 -19.04 19.93
C LYS A 70 -3.81 -19.49 20.79
N ALA A 71 -4.92 -18.76 20.81
CA ALA A 71 -6.13 -19.03 21.62
C ALA A 71 -6.97 -20.16 21.00
N GLY A 72 -6.71 -20.51 19.74
CA GLY A 72 -7.46 -21.53 18.98
C GLY A 72 -8.78 -21.01 18.44
N ASN A 73 -9.00 -19.69 18.41
CA ASN A 73 -10.25 -19.06 17.88
C ASN A 73 -9.85 -17.96 16.89
N ALA A 74 -9.26 -18.35 15.75
CA ALA A 74 -8.93 -17.39 14.67
C ALA A 74 -9.98 -17.49 13.57
N PRO A 75 -10.14 -16.45 12.74
CA PRO A 75 -10.98 -16.55 11.55
C PRO A 75 -10.41 -17.56 10.55
N ASP A 76 -11.26 -18.01 9.64
CA ASP A 76 -10.82 -18.87 8.52
C ASP A 76 -9.91 -18.06 7.59
N LEU A 77 -10.35 -16.84 7.29
CA LEU A 77 -9.73 -15.95 6.28
C LEU A 77 -9.36 -14.64 6.98
N ALA A 78 -8.23 -14.06 6.61
CA ALA A 78 -7.89 -12.72 7.12
C ALA A 78 -7.06 -11.96 6.07
N GLN A 79 -7.33 -10.65 5.96
CA GLN A 79 -6.51 -9.75 5.13
C GLN A 79 -5.09 -9.73 5.67
N VAL A 80 -4.12 -9.94 4.78
CA VAL A 80 -2.68 -9.91 5.11
C VAL A 80 -2.01 -9.10 4.01
N GLY A 81 -1.38 -7.98 4.35
CA GLY A 81 -0.55 -7.26 3.39
C GLY A 81 0.51 -8.17 2.77
N TYR A 82 0.91 -7.94 1.53
CA TYR A 82 2.05 -8.69 0.94
C TYR A 82 3.28 -8.53 1.84
N ALA A 83 3.54 -7.33 2.34
CA ALA A 83 4.69 -7.07 3.23
C ALA A 83 4.52 -7.82 4.58
N GLU A 84 3.32 -8.27 4.92
CA GLU A 84 3.03 -9.02 6.17
C GLU A 84 3.08 -10.54 5.98
N VAL A 85 2.91 -11.06 4.77
CA VAL A 85 2.91 -12.54 4.55
C VAL A 85 4.14 -13.19 5.14
N PRO A 86 5.40 -12.73 4.86
CA PRO A 86 6.59 -13.39 5.42
C PRO A 86 6.55 -13.44 6.96
N GLU A 87 6.06 -12.38 7.59
CA GLU A 87 5.94 -12.29 9.07
C GLU A 87 4.96 -13.36 9.58
N VAL A 88 3.73 -13.40 9.07
CA VAL A 88 2.70 -14.34 9.59
C VAL A 88 3.10 -15.77 9.19
N PHE A 89 3.77 -15.95 8.06
CA PHE A 89 4.33 -17.27 7.65
C PHE A 89 5.31 -17.73 8.74
N THR A 90 6.27 -16.88 9.10
CA THR A 90 7.34 -17.21 10.08
C THR A 90 6.74 -17.51 11.47
N LYS A 91 5.68 -16.83 11.87
CA LYS A 91 5.01 -17.05 13.17
C LYS A 91 4.10 -18.29 13.14
N GLY A 92 4.03 -18.98 12.00
CA GLY A 92 3.27 -20.25 11.89
C GLY A 92 1.77 -20.02 11.81
N LEU A 93 1.31 -18.89 11.31
CA LEU A 93 -0.14 -18.54 11.36
C LEU A 93 -0.91 -19.06 10.13
N LEU A 94 -0.24 -19.61 9.13
CA LEU A 94 -0.88 -19.82 7.80
C LEU A 94 -1.14 -21.32 7.58
N GLN A 95 -2.21 -21.63 6.83
CA GLN A 95 -2.48 -23.00 6.34
C GLN A 95 -2.19 -23.09 4.84
N ASP A 96 -1.43 -24.10 4.46
CA ASP A 96 -1.09 -24.38 3.05
C ASP A 96 -2.37 -24.72 2.27
N VAL A 97 -2.66 -23.94 1.24
CA VAL A 97 -3.83 -24.15 0.35
C VAL A 97 -3.35 -24.13 -1.10
N THR A 98 -2.22 -24.76 -1.37
CA THR A 98 -1.57 -24.73 -2.71
C THR A 98 -2.53 -25.22 -3.79
N ASP A 99 -3.17 -26.36 -3.58
CA ASP A 99 -4.00 -26.95 -4.65
C ASP A 99 -5.27 -26.13 -4.83
N GLU A 100 -5.86 -25.64 -3.74
CA GLU A 100 -7.05 -24.79 -3.81
C GLU A 100 -6.67 -23.54 -4.62
N ALA A 101 -5.54 -22.89 -4.29
CA ALA A 101 -5.13 -21.64 -4.96
C ALA A 101 -4.86 -21.89 -6.45
N ALA A 102 -4.27 -23.04 -6.79
CA ALA A 102 -3.99 -23.42 -8.18
C ALA A 102 -5.29 -23.46 -9.01
N LYS A 103 -6.40 -23.85 -8.41
CA LYS A 103 -7.72 -23.91 -9.10
C LYS A 103 -8.15 -22.51 -9.57
N TYR A 104 -7.78 -21.47 -8.83
CA TYR A 104 -8.23 -20.09 -9.06
C TYR A 104 -7.14 -19.22 -9.68
N LYS A 105 -5.94 -19.75 -9.92
CA LYS A 105 -4.77 -18.94 -10.37
C LYS A 105 -5.14 -18.10 -11.59
N ASP A 106 -5.86 -18.65 -12.58
CA ASP A 106 -6.11 -17.87 -13.82
C ASP A 106 -7.11 -16.73 -13.57
N ASP A 107 -7.66 -16.59 -12.36
CA ASP A 107 -8.52 -15.42 -12.04
C ASP A 107 -7.70 -14.22 -11.55
N PHE A 108 -6.36 -14.35 -11.42
CA PHE A 108 -5.53 -13.31 -10.77
C PHE A 108 -4.26 -13.03 -11.56
N ALA A 109 -3.76 -11.81 -11.41
CA ALA A 109 -2.44 -11.41 -11.96
C ALA A 109 -1.34 -12.23 -11.29
N SER A 110 -0.31 -12.58 -12.06
CA SER A 110 0.78 -13.48 -11.62
C SER A 110 1.60 -12.86 -10.51
N ALA A 111 2.00 -11.58 -10.61
CA ALA A 111 2.93 -10.98 -9.62
C ALA A 111 2.28 -11.01 -8.24
N PRO A 112 1.05 -10.48 -8.03
CA PRO A 112 0.48 -10.54 -6.69
C PRO A 112 0.14 -11.96 -6.23
N PHE A 113 -0.21 -12.86 -7.14
CA PHE A 113 -0.45 -14.26 -6.75
C PHE A 113 0.83 -14.83 -6.15
N ALA A 114 1.98 -14.58 -6.76
CA ALA A 114 3.29 -15.05 -6.29
C ALA A 114 3.59 -14.50 -4.90
N LEU A 115 3.06 -13.34 -4.53
CA LEU A 115 3.35 -12.77 -3.20
C LEU A 115 2.56 -13.47 -2.08
N MET A 116 1.60 -14.34 -2.43
CA MET A 116 0.87 -15.16 -1.45
C MET A 116 1.58 -16.52 -1.31
N GLN A 117 2.75 -16.68 -1.92
CA GLN A 117 3.48 -17.96 -1.91
C GLN A 117 4.78 -17.83 -1.13
N VAL A 118 5.11 -18.88 -0.39
CA VAL A 118 6.43 -19.08 0.27
C VAL A 118 6.92 -20.48 -0.07
N ASP A 119 8.10 -20.62 -0.68
CA ASP A 119 8.79 -21.92 -0.86
C ASP A 119 7.91 -22.86 -1.70
N GLY A 120 7.25 -22.33 -2.75
CA GLY A 120 6.44 -23.09 -3.72
C GLY A 120 5.08 -23.47 -3.16
N LYS A 121 4.72 -22.96 -1.99
CA LYS A 121 3.40 -23.22 -1.33
C LYS A 121 2.58 -21.93 -1.30
N THR A 122 1.28 -22.04 -1.51
CA THR A 122 0.35 -20.88 -1.62
C THR A 122 -0.52 -20.83 -0.37
N TYR A 123 -0.68 -19.64 0.23
CA TYR A 123 -1.40 -19.48 1.53
C TYR A 123 -2.69 -18.66 1.42
N GLY A 124 -3.13 -18.32 0.21
CA GLY A 124 -4.37 -17.56 0.01
C GLY A 124 -4.48 -17.05 -1.40
N LEU A 125 -5.29 -16.00 -1.57
CA LEU A 125 -5.47 -15.34 -2.89
C LEU A 125 -5.16 -13.87 -2.76
N PRO A 126 -4.53 -13.28 -3.79
CA PRO A 126 -4.23 -11.86 -3.76
C PRO A 126 -5.53 -11.07 -3.95
N GLN A 127 -5.55 -9.84 -3.49
CA GLN A 127 -6.79 -9.01 -3.52
C GLN A 127 -6.54 -7.72 -4.29
N ASP A 128 -5.44 -7.02 -3.98
CA ASP A 128 -5.21 -5.68 -4.58
C ASP A 128 -3.71 -5.40 -4.64
N THR A 129 -3.31 -4.37 -5.38
CA THR A 129 -1.92 -3.84 -5.35
C THR A 129 -1.94 -2.36 -5.02
N GLY A 130 -0.80 -1.87 -4.54
CA GLY A 130 -0.64 -0.50 -4.01
C GLY A 130 0.49 0.24 -4.72
N PRO A 131 0.45 0.39 -6.06
CA PRO A 131 1.51 1.16 -6.72
C PRO A 131 1.48 2.64 -6.28
N LEU A 132 2.64 3.26 -6.15
CA LEU A 132 2.69 4.71 -5.90
C LEU A 132 2.44 5.46 -7.22
N ALA A 133 1.69 6.55 -7.16
CA ALA A 133 1.45 7.46 -8.30
C ALA A 133 1.57 8.90 -7.80
N TYR A 134 1.26 9.86 -8.65
CA TYR A 134 1.35 11.28 -8.27
C TYR A 134 -0.01 11.94 -8.49
N PHE A 135 -0.62 12.44 -7.41
CA PHE A 135 -1.89 13.20 -7.43
C PHE A 135 -1.56 14.69 -7.47
N TYR A 136 -2.17 15.47 -8.35
CA TYR A 136 -1.88 16.92 -8.40
C TYR A 136 -3.10 17.70 -8.92
N ASN A 137 -3.14 18.97 -8.54
CA ASN A 137 -4.19 19.90 -9.03
C ASN A 137 -3.77 20.45 -10.40
N ALA A 138 -4.22 19.75 -11.45
CA ALA A 138 -3.83 20.09 -12.83
C ALA A 138 -4.32 21.48 -13.22
N ALA A 139 -5.55 21.85 -12.83
CA ALA A 139 -6.09 23.19 -13.14
C ALA A 139 -5.22 24.25 -12.47
N GLU A 140 -4.81 24.00 -11.22
CA GLU A 140 -3.99 24.94 -10.44
C GLU A 140 -2.58 25.02 -11.03
N PHE A 141 -2.00 23.91 -11.46
CA PHE A 141 -0.67 23.93 -12.11
C PHE A 141 -0.76 24.88 -13.31
N GLU A 142 -1.81 24.75 -14.13
CA GLU A 142 -1.95 25.58 -15.34
C GLU A 142 -2.10 27.06 -14.93
N LYS A 143 -2.91 27.34 -13.91
CA LYS A 143 -3.08 28.73 -13.41
C LYS A 143 -1.74 29.30 -12.94
N LEU A 144 -0.94 28.51 -12.22
CA LEU A 144 0.31 29.00 -11.60
C LEU A 144 1.47 29.03 -12.61
N GLY A 145 1.28 28.53 -13.82
CA GLY A 145 2.35 28.53 -14.83
C GLY A 145 3.40 27.47 -14.56
N ILE A 146 3.01 26.34 -13.97
CA ILE A 146 3.96 25.21 -13.75
C ILE A 146 3.50 23.96 -14.48
N THR A 147 4.41 22.99 -14.58
CA THR A 147 4.17 21.65 -15.19
C THR A 147 4.64 20.58 -14.22
N VAL A 148 4.10 19.37 -14.38
CA VAL A 148 4.60 18.21 -13.61
C VAL A 148 6.09 18.08 -13.97
N PRO A 149 6.98 18.13 -12.97
CA PRO A 149 8.42 18.08 -13.22
C PRO A 149 8.84 16.71 -13.76
N LYS A 150 9.76 16.75 -14.72
CA LYS A 150 10.21 15.55 -15.44
C LYS A 150 11.49 14.99 -14.82
N THR A 151 12.24 15.81 -14.11
CA THR A 151 13.52 15.44 -13.47
C THR A 151 13.53 15.84 -12.01
N ALA A 152 14.42 15.27 -11.23
CA ALA A 152 14.56 15.66 -9.81
C ALA A 152 14.96 17.14 -9.70
N ASP A 153 15.86 17.63 -10.54
CA ASP A 153 16.30 19.04 -10.40
C ASP A 153 15.12 19.96 -10.72
N GLU A 154 14.30 19.63 -11.72
CA GLU A 154 13.09 20.42 -12.08
C GLU A 154 12.11 20.37 -10.90
N LEU A 155 11.93 19.18 -10.30
CA LEU A 155 11.00 18.97 -9.16
C LEU A 155 11.37 19.93 -8.02
N ILE A 156 12.64 20.02 -7.69
CA ILE A 156 13.10 20.85 -6.54
C ILE A 156 12.89 22.34 -6.86
N GLU A 157 13.26 22.79 -8.05
CA GLU A 157 13.08 24.19 -8.49
C GLU A 157 11.58 24.54 -8.48
N THR A 158 10.72 23.66 -9.01
CA THR A 158 9.27 23.95 -9.08
C THR A 158 8.69 23.94 -7.66
N ALA A 159 9.08 23.00 -6.80
CA ALA A 159 8.60 22.92 -5.41
C ALA A 159 8.96 24.22 -4.66
N LYS A 160 10.14 24.79 -4.87
CA LYS A 160 10.54 26.03 -4.17
C LYS A 160 9.63 27.18 -4.65
N LYS A 161 9.33 27.22 -5.95
CA LYS A 161 8.50 28.28 -6.56
C LYS A 161 7.09 28.23 -5.96
N THR A 162 6.46 27.06 -5.87
CA THR A 162 5.11 27.02 -5.27
C THR A 162 5.20 27.38 -3.78
N ALA A 163 6.22 26.92 -3.06
CA ALA A 163 6.35 27.08 -1.60
C ALA A 163 6.47 28.58 -1.26
N ALA A 164 7.01 29.37 -2.17
CA ALA A 164 7.13 30.84 -2.01
C ALA A 164 5.73 31.49 -1.92
N GLN A 165 4.70 30.87 -2.50
CA GLN A 165 3.31 31.40 -2.45
C GLN A 165 2.45 30.53 -1.55
N GLY A 166 3.06 29.68 -0.71
CA GLY A 166 2.32 28.88 0.28
C GLY A 166 1.56 27.71 -0.33
N LYS A 167 2.02 27.18 -1.46
CA LYS A 167 1.43 25.98 -2.11
C LYS A 167 2.51 24.91 -2.25
N TYR A 168 2.13 23.65 -2.11
CA TYR A 168 3.12 22.56 -2.00
C TYR A 168 2.78 21.43 -2.96
N ILE A 169 3.81 20.95 -3.66
CA ILE A 169 3.65 19.90 -4.72
C ILE A 169 4.27 18.58 -4.27
N MET A 170 4.75 18.54 -3.03
CA MET A 170 5.29 17.31 -2.42
C MET A 170 4.93 17.27 -0.95
N THR A 171 4.89 16.05 -0.41
CA THR A 171 4.75 15.80 1.04
C THR A 171 5.88 14.90 1.51
N PHE A 172 6.17 15.00 2.80
CA PHE A 172 7.03 14.05 3.54
C PHE A 172 6.23 13.66 4.77
N GLN A 173 5.70 12.45 4.78
CA GLN A 173 4.67 11.98 5.76
C GLN A 173 5.37 11.10 6.78
N PRO A 174 5.77 11.61 7.95
CA PRO A 174 6.60 10.82 8.86
C PRO A 174 5.90 9.53 9.33
N ASP A 175 4.56 9.54 9.46
CA ASP A 175 3.78 8.38 9.94
C ASP A 175 3.64 7.32 8.82
N GLU A 176 4.04 7.65 7.60
CA GLU A 176 4.01 6.69 6.45
C GLU A 176 5.43 6.45 5.92
N ALA A 177 6.46 6.64 6.74
CA ALA A 177 7.86 6.48 6.30
C ALA A 177 8.09 5.07 5.76
N MET A 178 7.52 4.05 6.43
CA MET A 178 7.74 2.64 6.03
C MET A 178 7.51 2.49 4.52
N MET A 179 6.32 2.83 4.03
CA MET A 179 5.96 2.54 2.62
C MET A 179 6.36 3.70 1.71
N MET A 180 6.28 4.95 2.15
CA MET A 180 6.64 6.07 1.27
C MET A 180 8.14 6.03 1.00
N MET A 181 9.01 5.77 2.00
CA MET A 181 10.47 5.73 1.80
C MET A 181 10.86 4.40 1.13
N SER A 182 10.33 3.25 1.58
CA SER A 182 10.69 1.98 0.90
C SER A 182 10.15 1.94 -0.51
N GLY A 183 8.99 2.55 -0.77
CA GLY A 183 8.38 2.50 -2.12
C GLY A 183 9.11 3.38 -3.11
N GLN A 184 9.41 4.63 -2.72
CA GLN A 184 10.07 5.59 -3.63
C GLN A 184 11.49 5.08 -3.88
N ALA A 185 12.18 4.60 -2.85
CA ALA A 185 13.55 4.01 -2.99
C ALA A 185 13.45 2.68 -3.77
N GLY A 186 12.47 1.83 -3.43
CA GLY A 186 12.30 0.47 -3.99
C GLY A 186 11.91 0.46 -5.45
N ALA A 187 11.43 1.58 -5.98
CA ALA A 187 11.05 1.70 -7.42
C ALA A 187 12.26 1.31 -8.28
N SER A 188 13.48 1.47 -7.77
CA SER A 188 14.73 1.24 -8.55
C SER A 188 15.55 0.02 -8.06
N GLY A 189 15.06 -0.75 -7.11
CA GLY A 189 15.70 -2.01 -6.69
C GLY A 189 15.33 -2.47 -5.29
N PRO A 190 15.56 -3.75 -4.98
CA PRO A 190 15.19 -4.31 -3.68
C PRO A 190 16.13 -3.89 -2.56
N TRP A 191 15.62 -3.98 -1.32
CA TRP A 191 16.38 -3.88 -0.05
C TRP A 191 16.72 -5.26 0.47
N TYR A 192 15.90 -6.26 0.17
CA TYR A 192 16.01 -7.61 0.78
C TYR A 192 16.11 -8.63 -0.33
N LYS A 193 17.06 -9.55 -0.17
CA LYS A 193 17.23 -10.71 -1.07
C LYS A 193 17.46 -11.98 -0.25
N VAL A 194 17.15 -13.15 -0.81
CA VAL A 194 17.51 -14.44 -0.17
C VAL A 194 18.70 -15.05 -0.92
N ASP A 195 19.77 -15.40 -0.21
CA ASP A 195 21.00 -16.07 -0.74
C ASP A 195 21.21 -17.33 0.08
N GLY A 196 20.97 -18.49 -0.55
CA GLY A 196 20.95 -19.79 0.12
C GLY A 196 20.08 -19.72 1.36
N ASN A 197 20.76 -19.72 2.51
CA ASN A 197 20.18 -19.88 3.87
C ASN A 197 19.82 -18.51 4.49
N SER A 198 20.32 -17.39 3.94
CA SER A 198 20.28 -16.06 4.62
C SER A 198 19.40 -15.03 3.92
N TRP A 199 18.90 -14.08 4.71
CA TRP A 199 18.40 -12.76 4.22
C TRP A 199 19.61 -11.85 4.02
N VAL A 200 19.61 -11.17 2.89
CA VAL A 200 20.69 -10.21 2.53
C VAL A 200 20.04 -8.83 2.57
N VAL A 201 20.51 -8.00 3.50
CA VAL A 201 19.91 -6.69 3.83
C VAL A 201 20.83 -5.55 3.40
N ASN A 202 20.31 -4.70 2.53
CA ASN A 202 20.92 -3.40 2.19
C ASN A 202 19.81 -2.39 1.87
N THR A 203 19.47 -1.56 2.85
CA THR A 203 18.45 -0.52 2.69
C THR A 203 19.11 0.79 2.17
N GLN A 204 20.43 0.83 1.95
CA GLN A 204 21.12 2.03 1.44
C GLN A 204 21.58 1.76 0.00
N THR A 205 20.60 1.60 -0.86
CA THR A 205 20.73 1.47 -2.33
C THR A 205 20.87 2.84 -2.99
N LYS A 206 21.11 2.84 -4.30
CA LYS A 206 21.14 4.08 -5.12
C LYS A 206 19.78 4.78 -4.98
N GLY A 207 18.66 4.03 -4.94
CA GLY A 207 17.31 4.61 -4.84
C GLY A 207 17.14 5.27 -3.47
N SER A 208 17.65 4.66 -2.42
CA SER A 208 17.56 5.21 -1.05
C SER A 208 18.33 6.51 -0.98
N LYS A 209 19.51 6.55 -1.59
CA LYS A 209 20.35 7.77 -1.65
C LYS A 209 19.63 8.86 -2.44
N ALA A 210 19.03 8.53 -3.58
CA ALA A 210 18.30 9.49 -4.43
C ALA A 210 17.08 10.08 -3.67
N VAL A 211 16.27 9.22 -3.05
CA VAL A 211 15.09 9.68 -2.26
C VAL A 211 15.57 10.59 -1.14
N ALA A 212 16.58 10.17 -0.38
CA ALA A 212 17.08 11.00 0.75
C ALA A 212 17.53 12.36 0.21
N ASP A 213 18.27 12.39 -0.90
CA ASP A 213 18.81 13.63 -1.49
C ASP A 213 17.65 14.57 -1.88
N VAL A 214 16.65 14.03 -2.59
CA VAL A 214 15.50 14.87 -3.07
C VAL A 214 14.73 15.41 -1.85
N TYR A 215 14.35 14.57 -0.90
CA TYR A 215 13.51 15.03 0.24
C TYR A 215 14.34 15.91 1.17
N GLN A 216 15.65 15.69 1.25
CA GLN A 216 16.52 16.57 2.09
C GLN A 216 16.48 17.99 1.51
N GLN A 217 16.63 18.13 0.19
CA GLN A 217 16.56 19.46 -0.48
C GLN A 217 15.17 20.06 -0.26
N LEU A 218 14.10 19.28 -0.41
CA LEU A 218 12.75 19.82 -0.20
C LEU A 218 12.61 20.29 1.23
N ILE A 219 13.02 19.49 2.22
CA ILE A 219 12.81 19.88 3.66
C ILE A 219 13.70 21.09 3.98
N ASP A 220 14.93 21.12 3.47
CA ASP A 220 15.91 22.22 3.76
C ASP A 220 15.30 23.54 3.26
N ASN A 221 14.55 23.49 2.17
CA ASN A 221 13.93 24.67 1.52
C ASN A 221 12.45 24.85 1.93
N LYS A 222 11.97 24.15 2.95
CA LYS A 222 10.59 24.27 3.47
C LYS A 222 9.60 24.15 2.29
N ALA A 223 9.81 23.17 1.43
CA ALA A 223 9.10 23.03 0.12
C ALA A 223 8.32 21.71 0.03
N ALA A 224 8.22 20.95 1.11
CA ALA A 224 7.30 19.81 1.22
C ALA A 224 6.53 19.95 2.54
N LEU A 225 5.24 19.68 2.51
CA LEU A 225 4.43 19.64 3.77
C LEU A 225 4.79 18.38 4.56
N THR A 226 5.10 18.53 5.84
CA THR A 226 5.56 17.43 6.73
C THR A 226 4.43 16.99 7.68
N ASN A 227 3.18 17.36 7.41
CA ASN A 227 2.04 16.87 8.20
C ASN A 227 1.94 15.36 8.03
N PRO A 228 1.74 14.64 9.15
CA PRO A 228 1.46 13.21 9.10
C PRO A 228 0.20 12.97 8.29
N ARG A 229 0.26 11.89 7.53
CA ARG A 229 -0.76 11.56 6.53
C ARG A 229 -2.13 11.39 7.19
N TRP A 230 -2.18 10.83 8.38
CA TRP A 230 -3.44 10.40 9.04
C TRP A 230 -3.81 11.43 10.10
N ASP A 231 -3.12 12.57 10.17
CA ASP A 231 -3.49 13.69 11.07
C ASP A 231 -4.52 14.60 10.38
N ALA A 232 -5.33 15.29 11.16
CA ALA A 232 -6.23 16.32 10.62
C ALA A 232 -5.46 17.36 9.80
N SER A 233 -4.20 17.69 10.15
CA SER A 233 -3.42 18.71 9.42
C SER A 233 -3.26 18.31 7.96
N PHE A 234 -3.17 17.03 7.67
CA PHE A 234 -3.10 16.56 6.25
C PHE A 234 -4.40 16.91 5.53
N ASP A 235 -5.52 16.51 6.11
CA ASP A 235 -6.84 16.83 5.50
C ASP A 235 -6.98 18.35 5.35
N ASN A 236 -6.61 19.11 6.37
CA ASN A 236 -6.72 20.59 6.32
C ASN A 236 -5.86 21.14 5.18
N SER A 237 -4.70 20.54 4.93
CA SER A 237 -3.79 20.99 3.87
C SER A 237 -4.47 20.86 2.51
N ILE A 238 -5.26 19.81 2.31
CA ILE A 238 -5.96 19.61 1.02
C ILE A 238 -7.12 20.59 0.97
N GLN A 239 -7.96 20.62 2.01
CA GLN A 239 -9.22 21.41 1.93
C GLN A 239 -8.89 22.91 1.82
N SER A 240 -7.83 23.37 2.47
CA SER A 240 -7.44 24.79 2.47
C SER A 240 -6.79 25.22 1.15
N GLY A 241 -6.47 24.30 0.22
CA GLY A 241 -5.78 24.67 -1.04
C GLY A 241 -4.26 24.72 -0.91
N GLN A 242 -3.70 24.45 0.27
CA GLN A 242 -2.24 24.46 0.52
C GLN A 242 -1.52 23.32 -0.25
N LEU A 243 -2.05 22.10 -0.19
CA LEU A 243 -1.46 20.91 -0.85
C LEU A 243 -2.05 20.76 -2.24
N ILE A 244 -1.22 20.91 -3.27
CA ILE A 244 -1.67 20.84 -4.70
C ILE A 244 -0.93 19.73 -5.47
N GLY A 245 -0.06 18.98 -4.79
CA GLY A 245 0.54 17.77 -5.36
C GLY A 245 1.10 16.89 -4.26
N THR A 246 1.06 15.58 -4.47
CA THR A 246 1.68 14.59 -3.56
C THR A 246 1.82 13.25 -4.24
N VAL A 247 2.90 12.56 -3.90
CA VAL A 247 2.98 11.10 -4.14
C VAL A 247 1.90 10.45 -3.28
N ALA A 248 1.29 9.41 -3.79
CA ALA A 248 0.22 8.71 -3.06
C ALA A 248 0.12 7.26 -3.54
N ALA A 249 -0.33 6.40 -2.64
CA ALA A 249 -0.65 5.00 -3.00
C ALA A 249 -1.96 5.02 -3.76
N ALA A 250 -2.12 4.15 -4.76
CA ALA A 250 -3.34 4.21 -5.59
C ALA A 250 -4.62 4.05 -4.74
N TRP A 251 -4.63 3.19 -3.73
CA TRP A 251 -5.83 2.94 -2.90
C TRP A 251 -6.21 4.16 -2.07
N GLU A 252 -5.38 5.22 -2.01
CA GLU A 252 -5.74 6.46 -1.31
C GLU A 252 -6.83 7.22 -2.07
N ALA A 253 -7.10 6.90 -3.33
CA ALA A 253 -7.96 7.77 -4.18
C ALA A 253 -9.26 8.13 -3.44
N PRO A 254 -10.14 7.19 -3.00
CA PRO A 254 -11.40 7.63 -2.36
C PRO A 254 -11.18 8.35 -1.03
N LEU A 255 -10.16 7.92 -0.28
CA LEU A 255 -9.85 8.50 1.05
C LEU A 255 -9.43 9.96 0.85
N PHE A 256 -8.61 10.21 -0.17
CA PHE A 256 -8.11 11.56 -0.49
C PHE A 256 -9.28 12.47 -0.89
N ILE A 257 -10.16 11.97 -1.74
CA ILE A 257 -11.36 12.74 -2.17
C ILE A 257 -12.15 13.15 -0.93
N ASP A 258 -12.44 12.21 -0.02
CA ASP A 258 -13.21 12.52 1.21
C ASP A 258 -12.44 13.58 2.02
N SER A 259 -11.13 13.44 2.12
CA SER A 259 -10.28 14.35 2.93
C SER A 259 -10.34 15.78 2.36
N ALA A 260 -10.52 15.93 1.04
CA ALA A 260 -10.46 17.21 0.33
C ALA A 260 -11.64 18.11 0.72
N GLY A 261 -12.72 17.55 1.25
CA GLY A 261 -13.95 18.31 1.58
C GLY A 261 -14.41 19.19 0.44
N GLY A 262 -14.32 18.69 -0.80
CA GLY A 262 -14.82 19.39 -2.00
C GLY A 262 -13.76 20.26 -2.66
N THR A 263 -12.64 20.58 -1.99
CA THR A 263 -11.63 21.47 -2.59
C THR A 263 -10.97 20.73 -3.75
N GLY A 264 -10.90 21.37 -4.93
CA GLY A 264 -10.20 20.76 -6.08
C GLY A 264 -11.09 19.87 -6.91
N ALA A 265 -12.37 19.76 -6.58
CA ALA A 265 -13.29 18.89 -7.33
C ALA A 265 -13.31 19.36 -8.79
N GLY A 266 -13.13 18.45 -9.75
CA GLY A 266 -13.07 18.80 -11.17
C GLY A 266 -11.73 19.37 -11.63
N GLU A 267 -10.70 19.40 -10.76
CA GLU A 267 -9.42 20.09 -11.07
C GLU A 267 -8.20 19.15 -11.00
N TRP A 268 -8.30 18.06 -10.26
CA TRP A 268 -7.12 17.20 -9.99
C TRP A 268 -6.96 16.16 -11.08
N LYS A 269 -5.76 15.60 -11.16
CA LYS A 269 -5.41 14.51 -12.07
C LYS A 269 -4.41 13.60 -11.37
N VAL A 270 -4.28 12.44 -11.95
CA VAL A 270 -3.27 11.44 -11.51
C VAL A 270 -2.30 11.26 -12.66
N THR A 271 -1.03 11.13 -12.34
CA THR A 271 -0.01 10.71 -13.33
C THR A 271 0.92 9.71 -12.65
N GLN A 272 1.90 9.21 -13.40
CA GLN A 272 2.88 8.23 -12.90
C GLN A 272 3.83 8.95 -11.95
N LEU A 273 4.46 8.17 -11.06
CA LEU A 273 5.60 8.71 -10.29
C LEU A 273 6.64 9.18 -11.31
N GLY A 274 7.15 10.39 -11.17
CA GLY A 274 8.14 10.89 -12.13
C GLY A 274 9.49 10.22 -11.94
N ASP A 275 10.36 10.40 -12.93
CA ASP A 275 11.78 9.97 -12.92
C ASP A 275 12.55 10.92 -11.99
N TRP A 276 12.31 10.78 -10.68
CA TRP A 276 12.83 11.73 -9.69
C TRP A 276 13.87 11.07 -8.80
N PHE A 277 13.94 9.74 -8.81
CA PHE A 277 14.72 8.96 -7.81
C PHE A 277 15.56 7.88 -8.53
N GLY A 278 16.00 8.16 -9.77
CA GLY A 278 16.76 7.19 -10.59
C GLY A 278 15.92 6.00 -10.99
N ASN A 279 14.62 6.18 -11.05
CA ASN A 279 13.67 5.06 -11.24
C ASN A 279 13.18 4.98 -12.70
N GLY A 280 13.44 5.98 -13.54
CA GLY A 280 12.86 6.02 -14.90
C GLY A 280 11.35 5.96 -14.88
N THR A 281 10.74 4.99 -15.58
CA THR A 281 9.28 4.81 -15.66
C THR A 281 8.81 3.81 -14.60
N LYS A 282 9.66 3.41 -13.67
CA LYS A 282 9.21 2.41 -12.66
C LYS A 282 8.64 3.12 -11.43
N THR A 283 7.84 2.39 -10.66
CA THR A 283 7.32 2.89 -9.36
C THR A 283 7.52 1.81 -8.30
N GLY A 284 7.13 2.13 -7.05
CA GLY A 284 7.25 1.28 -5.88
C GLY A 284 5.90 0.86 -5.35
N SER A 285 5.94 0.05 -4.29
CA SER A 285 4.77 -0.60 -3.65
C SER A 285 4.51 0.05 -2.31
N ASP A 286 3.24 0.37 -2.02
CA ASP A 286 2.82 0.89 -0.71
C ASP A 286 1.55 0.14 -0.35
N GLY A 287 1.68 -0.85 0.50
CA GLY A 287 0.57 -1.73 0.81
C GLY A 287 0.18 -2.59 -0.38
N GLY A 288 -1.11 -2.87 -0.52
CA GLY A 288 -1.58 -4.02 -1.33
C GLY A 288 -1.57 -5.28 -0.49
N SER A 289 -2.66 -6.06 -0.58
CA SER A 289 -2.91 -7.16 0.35
C SER A 289 -3.50 -8.35 -0.40
N GLY A 290 -3.43 -9.50 0.26
CA GLY A 290 -4.25 -10.65 -0.09
C GLY A 290 -5.10 -11.04 1.10
N VAL A 291 -5.72 -12.21 0.97
CA VAL A 291 -6.51 -12.82 2.05
C VAL A 291 -5.96 -14.23 2.23
N ALA A 292 -5.48 -14.50 3.43
CA ALA A 292 -4.80 -15.76 3.78
C ALA A 292 -5.79 -16.71 4.45
N VAL A 293 -5.57 -18.02 4.26
CA VAL A 293 -6.25 -19.07 5.07
C VAL A 293 -5.35 -19.33 6.27
N LEU A 294 -5.94 -19.24 7.46
CA LEU A 294 -5.19 -19.35 8.72
C LEU A 294 -5.08 -20.78 9.21
N LYS A 295 -3.98 -21.05 9.91
CA LYS A 295 -3.83 -22.24 10.76
C LYS A 295 -5.12 -22.45 11.54
N GLY A 296 -5.64 -23.67 11.51
CA GLY A 296 -6.82 -24.09 12.30
C GLY A 296 -8.12 -23.94 11.55
N SER A 297 -8.11 -23.38 10.34
CA SER A 297 -9.33 -23.27 9.51
C SER A 297 -9.81 -24.71 9.22
N LYS A 298 -11.08 -25.01 9.50
CA LYS A 298 -11.66 -26.35 9.23
C LYS A 298 -12.24 -26.40 7.82
N HIS A 299 -12.21 -25.29 7.05
CA HIS A 299 -12.88 -25.20 5.74
C HIS A 299 -12.07 -24.46 4.69
N PRO A 300 -10.80 -24.82 4.44
CA PRO A 300 -10.03 -24.10 3.43
C PRO A 300 -10.67 -24.19 2.03
N ALA A 301 -11.24 -25.34 1.65
CA ALA A 301 -11.77 -25.45 0.27
C ALA A 301 -12.95 -24.50 0.11
N GLU A 302 -13.88 -24.53 1.04
CA GLU A 302 -15.06 -23.64 0.94
C GLU A 302 -14.63 -22.18 1.14
N ALA A 303 -13.74 -21.92 2.07
CA ALA A 303 -13.23 -20.54 2.28
C ALA A 303 -12.60 -20.01 0.97
N MET A 304 -11.79 -20.82 0.30
CA MET A 304 -11.11 -20.41 -0.96
C MET A 304 -12.13 -20.25 -2.11
N GLU A 305 -13.16 -21.09 -2.20
CA GLU A 305 -14.28 -20.90 -3.18
C GLU A 305 -14.95 -19.52 -2.99
N PHE A 306 -15.36 -19.19 -1.77
CA PHE A 306 -15.94 -17.88 -1.41
C PHE A 306 -14.92 -16.79 -1.76
N LEU A 307 -13.65 -16.96 -1.38
CA LEU A 307 -12.64 -15.88 -1.57
C LEU A 307 -12.38 -15.62 -3.05
N ASP A 308 -12.37 -16.64 -3.89
CA ASP A 308 -12.19 -16.43 -5.34
C ASP A 308 -13.36 -15.58 -5.84
N TRP A 309 -14.58 -15.91 -5.43
CA TRP A 309 -15.79 -15.11 -5.80
C TRP A 309 -15.65 -13.67 -5.27
N PHE A 310 -15.33 -13.50 -4.01
CA PHE A 310 -15.24 -12.19 -3.36
C PHE A 310 -14.22 -11.30 -4.09
N ASN A 311 -13.01 -11.82 -4.31
CA ASN A 311 -11.90 -11.05 -4.88
C ASN A 311 -12.16 -10.77 -6.36
N THR A 312 -13.13 -11.44 -6.98
CA THR A 312 -13.46 -11.12 -8.39
C THR A 312 -14.74 -10.29 -8.49
N GLN A 313 -15.26 -9.74 -7.39
CA GLN A 313 -16.35 -8.73 -7.45
C GLN A 313 -15.71 -7.37 -7.70
N VAL A 314 -15.29 -7.17 -8.94
CA VAL A 314 -14.29 -6.14 -9.31
C VAL A 314 -14.91 -4.76 -9.04
N ASP A 315 -16.13 -4.47 -9.53
CA ASP A 315 -16.69 -3.12 -9.36
C ASP A 315 -16.91 -2.84 -7.86
N ASP A 316 -17.35 -3.81 -7.08
CA ASP A 316 -17.55 -3.57 -5.62
C ASP A 316 -16.18 -3.32 -4.93
N LEU A 317 -15.13 -4.07 -5.27
CA LEU A 317 -13.80 -3.91 -4.60
C LEU A 317 -13.16 -2.61 -5.04
N VAL A 318 -13.32 -2.22 -6.30
CA VAL A 318 -12.76 -0.91 -6.77
C VAL A 318 -13.43 0.20 -5.96
N SER A 319 -14.69 0.04 -5.54
CA SER A 319 -15.41 1.12 -4.81
C SER A 319 -14.69 1.39 -3.49
N GLN A 320 -13.99 0.38 -2.95
CA GLN A 320 -13.25 0.46 -1.65
C GLN A 320 -11.86 1.10 -1.89
N GLY A 321 -11.54 1.48 -3.14
CA GLY A 321 -10.23 2.01 -3.53
C GLY A 321 -9.24 0.97 -4.02
N LEU A 322 -9.63 -0.30 -4.21
CA LEU A 322 -8.65 -1.36 -4.51
C LEU A 322 -8.31 -1.34 -5.99
N VAL A 323 -7.01 -1.39 -6.30
CA VAL A 323 -6.52 -1.77 -7.65
C VAL A 323 -6.48 -3.29 -7.65
N VAL A 324 -7.52 -3.92 -8.16
CA VAL A 324 -7.72 -5.36 -7.91
C VAL A 324 -6.64 -6.21 -8.59
N ALA A 325 -6.33 -7.34 -7.97
CA ALA A 325 -5.43 -8.40 -8.46
C ALA A 325 -6.20 -9.22 -9.49
N ALA A 326 -7.54 -9.26 -9.39
CA ALA A 326 -8.40 -10.07 -10.29
C ALA A 326 -8.20 -9.58 -11.72
N THR A 327 -8.19 -10.52 -12.69
CA THR A 327 -8.09 -10.28 -14.15
C THR A 327 -9.36 -10.79 -14.86
N THR A 328 -10.41 -11.09 -14.10
CA THR A 328 -11.67 -11.72 -14.60
C THR A 328 -12.51 -10.67 -15.34
N ALA A 329 -12.39 -9.40 -14.99
CA ALA A 329 -13.20 -8.28 -15.52
C ALA A 329 -12.48 -6.97 -15.20
N ASP A 330 -12.85 -5.89 -15.90
CA ASP A 330 -12.20 -4.56 -15.73
C ASP A 330 -13.27 -3.59 -15.25
N ALA A 331 -13.10 -3.02 -14.06
CA ALA A 331 -14.02 -1.99 -13.53
C ALA A 331 -13.60 -0.64 -14.12
N LYS A 332 -14.59 0.17 -14.53
CA LYS A 332 -14.44 1.57 -14.91
C LYS A 332 -14.08 2.36 -13.63
N THR A 333 -13.19 3.32 -13.74
CA THR A 333 -13.02 4.38 -12.72
C THR A 333 -14.39 4.72 -12.15
N PRO A 334 -14.60 4.63 -10.83
CA PRO A 334 -15.87 5.07 -10.25
C PRO A 334 -16.21 6.51 -10.61
N GLN A 335 -17.51 6.79 -10.83
CA GLN A 335 -17.97 8.16 -11.14
C GLN A 335 -17.47 9.17 -10.08
N LYS A 336 -17.49 8.80 -8.80
CA LYS A 336 -17.04 9.70 -7.69
C LYS A 336 -15.59 10.13 -7.99
N TRP A 337 -14.74 9.21 -8.44
CA TRP A 337 -13.30 9.51 -8.65
C TRP A 337 -13.13 10.36 -9.89
N SER A 338 -13.74 9.99 -11.02
CA SER A 338 -13.59 10.80 -12.25
C SER A 338 -14.20 12.20 -12.02
N ASP A 339 -15.30 12.34 -11.28
CA ASP A 339 -15.86 13.68 -10.95
C ASP A 339 -14.75 14.50 -10.27
N TYR A 340 -14.05 13.95 -9.29
CA TYR A 340 -13.03 14.70 -8.53
C TYR A 340 -11.86 15.01 -9.47
N PHE A 341 -11.35 13.96 -10.12
CA PHE A 341 -10.13 14.03 -10.93
C PHE A 341 -10.41 14.42 -12.40
N SER A 342 -11.11 15.53 -12.59
CA SER A 342 -11.17 16.26 -13.89
C SER A 342 -11.76 15.38 -14.99
N GLY A 343 -12.56 14.37 -14.65
CA GLY A 343 -13.13 13.47 -15.67
C GLY A 343 -12.15 12.46 -16.22
N GLN A 344 -10.97 12.38 -15.59
CA GLN A 344 -9.90 11.45 -15.99
C GLN A 344 -10.23 10.00 -15.63
N ASP A 345 -9.87 9.11 -16.54
CA ASP A 345 -9.82 7.65 -16.31
C ASP A 345 -8.63 7.32 -15.42
N VAL A 346 -8.79 7.48 -14.10
CA VAL A 346 -7.62 7.37 -13.19
C VAL A 346 -7.31 5.88 -13.03
N MET A 347 -8.27 4.97 -13.18
CA MET A 347 -7.97 3.53 -12.99
C MET A 347 -6.96 3.10 -14.10
N ALA A 348 -7.02 3.68 -15.30
CA ALA A 348 -6.00 3.40 -16.34
C ALA A 348 -4.60 3.80 -15.84
N GLU A 349 -4.48 4.96 -15.20
CA GLU A 349 -3.18 5.40 -14.65
C GLU A 349 -2.74 4.42 -13.54
N PHE A 350 -3.67 3.98 -12.69
CA PHE A 350 -3.32 3.03 -11.62
C PHE A 350 -2.87 1.67 -12.20
N LYS A 351 -3.52 1.22 -13.27
CA LYS A 351 -3.16 -0.08 -13.89
C LYS A 351 -1.77 0.03 -14.53
N THR A 352 -1.47 1.14 -15.19
CA THR A 352 -0.12 1.38 -15.75
C THR A 352 0.89 1.39 -14.60
N ALA A 353 0.60 2.11 -13.53
CA ALA A 353 1.51 2.17 -12.37
C ALA A 353 1.72 0.76 -11.81
N ASN A 354 0.66 -0.01 -11.60
CA ASN A 354 0.80 -1.40 -11.12
C ASN A 354 1.79 -2.18 -12.01
N ASP A 355 1.68 -2.04 -13.33
CA ASP A 355 2.47 -2.85 -14.29
C ASP A 355 3.93 -2.40 -14.26
N ASN A 356 4.20 -1.17 -13.79
CA ASN A 356 5.56 -0.58 -13.69
C ASN A 356 6.11 -0.68 -12.27
N MET A 357 5.44 -1.43 -11.39
CA MET A 357 5.87 -1.54 -9.96
C MET A 357 7.05 -2.52 -9.87
N GLY A 358 8.22 -2.06 -9.43
CA GLY A 358 9.40 -2.93 -9.32
C GLY A 358 9.20 -4.03 -8.30
N ASP A 359 9.82 -5.20 -8.55
CA ASP A 359 9.84 -6.29 -7.55
C ASP A 359 10.46 -5.74 -6.27
N PHE A 360 9.94 -6.16 -5.13
CA PHE A 360 10.44 -5.71 -3.81
C PHE A 360 10.07 -6.75 -2.75
N THR A 361 10.91 -7.76 -2.61
CA THR A 361 10.75 -8.83 -1.60
C THR A 361 10.77 -8.22 -0.19
N TYR A 362 9.80 -8.59 0.64
CA TYR A 362 9.80 -8.11 2.04
C TYR A 362 10.36 -9.17 3.00
N MET A 363 11.21 -8.73 3.91
CA MET A 363 11.70 -9.58 5.02
C MET A 363 10.55 -9.81 6.01
N PRO A 364 10.56 -10.94 6.75
CA PRO A 364 9.70 -11.13 7.90
C PRO A 364 10.09 -10.12 8.99
N GLY A 365 9.09 -9.47 9.58
CA GLY A 365 9.28 -8.45 10.61
C GLY A 365 9.40 -7.05 10.06
N PHE A 366 8.89 -6.78 8.86
CA PHE A 366 9.01 -5.45 8.21
C PHE A 366 8.23 -4.41 9.02
N SER A 367 7.18 -4.86 9.71
CA SER A 367 6.44 -4.09 10.74
C SER A 367 7.39 -3.29 11.63
N ALA A 368 8.33 -4.01 12.23
CA ALA A 368 9.26 -3.45 13.25
C ALA A 368 10.16 -2.41 12.54
N VAL A 369 10.54 -2.68 11.30
CA VAL A 369 11.40 -1.74 10.51
C VAL A 369 10.60 -0.44 10.29
N GLY A 370 9.32 -0.57 9.92
CA GLY A 370 8.45 0.60 9.73
C GLY A 370 8.31 1.41 11.01
N ALA A 371 8.16 0.74 12.15
CA ALA A 371 7.98 1.43 13.45
C ALA A 371 9.18 2.32 13.71
N ALA A 372 10.38 1.83 13.43
CA ALA A 372 11.62 2.56 13.73
C ALA A 372 11.80 3.68 12.70
N MET A 373 11.49 3.41 11.45
CA MET A 373 11.58 4.42 10.36
C MET A 373 10.66 5.62 10.65
N LYS A 374 9.45 5.39 11.20
CA LYS A 374 8.46 6.46 11.53
C LYS A 374 9.11 7.45 12.50
N GLN A 375 9.79 6.89 13.49
CA GLN A 375 10.42 7.70 14.55
C GLN A 375 11.51 8.59 13.94
N THR A 376 12.43 7.99 13.17
CA THR A 376 13.51 8.79 12.55
C THR A 376 12.91 9.84 11.60
N ALA A 377 11.87 9.48 10.86
CA ALA A 377 11.28 10.39 9.85
C ALA A 377 10.71 11.62 10.56
N ALA A 378 10.18 11.49 11.77
CA ALA A 378 9.67 12.66 12.53
C ALA A 378 10.84 13.61 12.75
N LYS A 379 12.01 13.07 13.03
CA LYS A 379 13.21 13.93 13.26
C LYS A 379 13.70 14.52 11.94
N ALA A 380 13.68 13.76 10.84
CA ALA A 380 14.13 14.32 9.55
C ALA A 380 13.20 15.50 9.17
N ALA A 381 11.91 15.33 9.44
CA ALA A 381 10.86 16.33 9.10
C ALA A 381 11.10 17.66 9.81
N ASP A 382 11.62 17.66 11.02
CA ASP A 382 11.81 18.93 11.77
C ASP A 382 13.28 19.39 11.76
N GLY A 383 14.13 18.73 10.97
CA GLY A 383 15.53 19.15 10.78
C GLY A 383 16.49 18.67 11.85
N SER A 384 16.07 17.81 12.78
CA SER A 384 16.93 17.31 13.88
C SER A 384 17.70 16.06 13.44
N ALA A 385 17.36 15.50 12.29
CA ALA A 385 18.05 14.36 11.64
C ALA A 385 18.01 14.61 10.15
N LYS A 386 18.75 13.81 9.40
CA LYS A 386 18.80 13.81 7.91
C LYS A 386 17.82 12.76 7.40
N VAL A 387 17.26 12.99 6.24
CA VAL A 387 16.37 11.99 5.57
C VAL A 387 17.18 10.70 5.43
N SER A 388 18.47 10.81 5.15
CA SER A 388 19.36 9.61 5.01
C SER A 388 19.37 8.75 6.28
N ASP A 389 19.15 9.36 7.45
CA ASP A 389 19.13 8.60 8.73
C ASP A 389 17.96 7.63 8.76
N VAL A 390 16.86 7.94 8.07
CA VAL A 390 15.67 7.04 7.99
C VAL A 390 16.11 5.70 7.39
N PHE A 391 16.98 5.75 6.38
CA PHE A 391 17.43 4.54 5.66
C PHE A 391 18.46 3.80 6.52
N ASP A 392 19.29 4.53 7.28
CA ASP A 392 20.20 3.90 8.27
C ASP A 392 19.40 3.19 9.36
N THR A 393 18.37 3.86 9.88
CA THR A 393 17.44 3.21 10.85
C THR A 393 16.87 1.91 10.25
N ALA A 394 16.42 1.95 9.00
CA ALA A 394 15.86 0.77 8.29
C ALA A 394 16.89 -0.36 8.29
N GLN A 395 18.14 -0.03 7.97
CA GLN A 395 19.21 -1.05 7.91
C GLN A 395 19.37 -1.71 9.28
N LYS A 396 19.61 -0.93 10.33
CA LYS A 396 19.93 -1.52 11.66
C LYS A 396 18.70 -2.29 12.20
N THR A 397 17.51 -1.74 12.06
CA THR A 397 16.30 -2.39 12.61
C THR A 397 15.98 -3.65 11.80
N SER A 398 16.28 -3.65 10.51
CA SER A 398 16.08 -4.83 9.63
C SER A 398 16.95 -5.99 10.15
N VAL A 399 18.22 -5.72 10.32
CA VAL A 399 19.17 -6.76 10.77
C VAL A 399 18.81 -7.23 12.19
N ASP A 400 18.60 -6.32 13.13
CA ASP A 400 18.26 -6.69 14.52
C ASP A 400 16.95 -7.49 14.59
N THR A 401 15.96 -7.15 13.78
CA THR A 401 14.64 -7.85 13.75
C THR A 401 14.87 -9.27 13.26
N LEU A 402 15.64 -9.43 12.19
CA LEU A 402 15.90 -10.79 11.66
C LEU A 402 16.62 -11.63 12.71
N LYS A 403 17.64 -11.07 13.39
CA LYS A 403 18.41 -11.80 14.42
C LYS A 403 17.45 -12.22 15.55
N ASN A 404 16.53 -11.34 15.96
CA ASN A 404 15.57 -11.61 17.07
C ASN A 404 14.54 -12.68 16.68
N LEU A 405 14.20 -12.81 15.39
CA LEU A 405 13.29 -13.89 14.89
C LEU A 405 14.06 -15.21 14.73
N GLY A 406 15.37 -15.21 15.00
CA GLY A 406 16.24 -16.39 14.89
C GLY A 406 16.57 -16.75 13.46
N LEU A 407 16.58 -15.77 12.56
CA LEU A 407 16.83 -15.99 11.12
C LEU A 407 18.25 -15.57 10.77
N SER A 408 18.84 -16.25 9.79
CA SER A 408 20.22 -15.97 9.33
C SER A 408 20.19 -14.70 8.46
N VAL A 409 21.07 -13.74 8.75
CA VAL A 409 21.08 -12.42 8.07
C VAL A 409 22.52 -12.01 7.78
N LYS A 410 22.71 -11.47 6.59
CA LYS A 410 23.99 -10.94 6.07
C LYS A 410 23.81 -9.47 5.70
N GLU A 411 24.74 -8.61 6.10
CA GLU A 411 24.77 -7.21 5.67
C GLU A 411 26.21 -6.78 5.36
#